data_4FBZ
#
_entry.id   4FBZ
#
_cell.length_a   111.710
_cell.length_b   111.710
_cell.length_c   198.250
_cell.angle_alpha   90.00
_cell.angle_beta   90.00
_cell.angle_gamma   120.00
#
_symmetry.space_group_name_H-M   'H 3 2'
#
loop_
_entity.id
_entity.type
_entity.pdbx_description
1 polymer deltarhodopsin
2 non-polymer RETINAL
3 non-polymer BACTERIORUBERIN
4 non-polymer (6E,10E,14E,18E)-2,6,10,15,19,23-hexamethyltetracosa-2,6,10,14,18,22-hexaene
5 non-polymer 2,3-DI-PHYTANYL-GLYCEROL
6 non-polymer 'nonyl beta-D-glucopyranoside'
7 non-polymer 'SULFATE ION'
8 water water
#
_entity_poly.entity_id   1
_entity_poly.type   'polypeptide(L)'
_entity_poly.pdbx_seq_one_letter_code
;MAATVGPESIWLWIGTIGMTLGTLYFVGRGRGVRDRKMQEFYIITTFITTIAAAMYFAMATGFGVTEVVVGDEALTIYWA
RYADWLFTTPLLLLDLGLLAGANRNTIATLIGLDVFMIGTGMIAAFAATPGTRIAWWGISTGALLALLYVLVGTLSKDAR
GQSPEVASLFGRLRNLVIVLWLLYPVVWILGTEGTFGILPLYWETAAFMVLDLSAKVGFGVVLLRSRSVLRRVVTPTAAP
T
;
_entity_poly.pdbx_strand_id   A
#
loop_
_chem_comp.id
_chem_comp.type
_chem_comp.name
_chem_comp.formula
22B non-polymer BACTERIORUBERIN 'C50 H76 O4'
BNG D-saccharide 'nonyl beta-D-glucopyranoside' 'C15 H30 O6'
L2P non-polymer 2,3-DI-PHYTANYL-GLYCEROL 'C43 H88 O3'
RET non-polymer RETINAL 'C20 H28 O'
SO4 non-polymer 'SULFATE ION' 'O4 S -2'
SQL non-polymer (6E,10E,14E,18E)-2,6,10,15,19,23-hexamethyltetracosa-2,6,10,14,18,22-hexaene 'C30 H50'
#
# COMPACT_ATOMS: atom_id res chain seq x y z
N MET A 1 -4.49 -7.70 22.72
CA MET A 1 -3.53 -6.56 22.65
C MET A 1 -2.70 -6.48 23.93
N ALA A 2 -2.95 -5.43 24.73
CA ALA A 2 -2.25 -5.20 25.99
C ALA A 2 -0.74 -4.96 25.84
N ALA A 3 -0.35 -4.37 24.71
CA ALA A 3 1.06 -4.08 24.45
C ALA A 3 1.33 -2.58 24.44
N THR A 4 2.47 -2.19 25.00
CA THR A 4 2.83 -0.77 25.04
C THR A 4 3.54 -0.39 23.74
N VAL A 5 3.48 0.89 23.38
CA VAL A 5 4.10 1.36 22.16
C VAL A 5 5.63 1.27 22.21
N GLY A 6 6.30 2.39 22.48
CA GLY A 6 7.75 2.38 22.53
C GLY A 6 8.35 3.56 21.77
N PRO A 7 9.68 3.64 21.69
CA PRO A 7 10.36 4.74 20.99
C PRO A 7 9.99 4.88 19.51
N GLU A 8 9.42 3.82 18.93
CA GLU A 8 9.05 3.87 17.51
C GLU A 8 7.86 4.80 17.26
N SER A 9 7.13 5.14 18.31
CA SER A 9 5.97 6.02 18.20
C SER A 9 6.27 7.32 17.46
N ILE A 10 7.54 7.74 17.46
CA ILE A 10 7.93 8.96 16.78
C ILE A 10 7.60 8.82 15.29
N TRP A 11 7.95 7.69 14.71
CA TRP A 11 7.69 7.43 13.30
C TRP A 11 6.18 7.33 13.06
N LEU A 12 5.49 6.70 14.00
CA LEU A 12 4.04 6.53 13.89
C LEU A 12 3.32 7.86 13.83
N TRP A 13 3.81 8.85 14.57
CA TRP A 13 3.19 10.19 14.56
C TRP A 13 3.51 10.94 13.28
N ILE A 14 4.76 10.84 12.83
CA ILE A 14 5.19 11.49 11.59
C ILE A 14 4.27 10.90 10.51
N GLY A 15 4.16 9.56 10.52
CA GLY A 15 3.32 8.88 9.55
C GLY A 15 1.90 9.37 9.62
N THR A 16 1.34 9.42 10.82
CA THR A 16 -0.02 9.90 11.02
C THR A 16 -0.12 11.30 10.43
N ILE A 17 0.83 12.17 10.78
CA ILE A 17 0.85 13.55 10.29
C ILE A 17 0.92 13.62 8.78
N GLY A 18 1.87 12.88 8.21
CA GLY A 18 2.02 12.88 6.76
C GLY A 18 0.76 12.45 6.02
N MET A 19 0.18 11.33 6.43
CA MET A 19 -1.02 10.82 5.79
C MET A 19 -2.16 11.83 5.89
N THR A 20 -2.29 12.45 7.06
CA THR A 20 -3.37 13.43 7.26
C THR A 20 -3.15 14.64 6.34
N LEU A 21 -1.90 15.05 6.20
CA LEU A 21 -1.56 16.16 5.33
C LEU A 21 -1.79 15.84 3.85
N GLY A 22 -1.44 14.62 3.43
CA GLY A 22 -1.67 14.25 2.05
C GLY A 22 -3.16 14.28 1.73
N THR A 23 -3.97 13.83 2.68
CA THR A 23 -5.41 13.81 2.54
C THR A 23 -5.97 15.21 2.28
N LEU A 24 -5.63 16.14 3.15
CA LEU A 24 -6.11 17.52 3.02
C LEU A 24 -5.64 18.09 1.69
N TYR A 25 -4.42 17.72 1.28
CA TYR A 25 -3.88 18.19 0.02
C TYR A 25 -4.76 17.70 -1.12
N PHE A 26 -5.08 16.41 -1.11
CA PHE A 26 -5.91 15.82 -2.15
C PHE A 26 -7.36 16.30 -2.12
N VAL A 27 -7.88 16.59 -0.93
CA VAL A 27 -9.25 17.09 -0.81
C VAL A 27 -9.34 18.46 -1.46
N GLY A 28 -8.38 19.34 -1.14
CA GLY A 28 -8.36 20.67 -1.71
C GLY A 28 -7.97 20.62 -3.17
N ARG A 29 -7.09 19.69 -3.50
CA ARG A 29 -6.62 19.54 -4.87
C ARG A 29 -7.76 19.03 -5.76
N GLY A 30 -8.66 18.24 -5.16
CA GLY A 30 -9.77 17.67 -5.90
C GLY A 30 -10.96 18.62 -6.03
N ARG A 31 -10.88 19.74 -5.32
CA ARG A 31 -11.94 20.76 -5.34
C ARG A 31 -12.10 21.38 -6.72
N GLY A 32 -13.29 21.24 -7.30
CA GLY A 32 -13.54 21.83 -8.61
C GLY A 32 -13.52 20.88 -9.81
N VAL A 33 -13.21 19.62 -9.58
CA VAL A 33 -13.16 18.66 -10.68
C VAL A 33 -14.57 18.15 -10.98
N ARG A 34 -15.04 18.40 -12.20
CA ARG A 34 -16.38 17.96 -12.59
C ARG A 34 -16.35 16.69 -13.44
N ASP A 35 -15.27 16.51 -14.19
CA ASP A 35 -15.12 15.33 -15.03
C ASP A 35 -15.28 14.04 -14.21
N ARG A 36 -16.27 13.24 -14.57
CA ARG A 36 -16.49 11.97 -13.88
C ARG A 36 -15.48 11.00 -14.46
N LYS A 37 -14.33 10.88 -13.80
CA LYS A 37 -13.26 10.01 -14.25
C LYS A 37 -12.06 10.55 -13.50
N MET A 38 -11.87 11.85 -13.67
CA MET A 38 -10.81 12.56 -12.97
C MET A 38 -11.15 12.35 -11.49
N GLN A 39 -12.42 12.55 -11.16
CA GLN A 39 -12.92 12.38 -9.82
C GLN A 39 -12.62 11.02 -9.22
N GLU A 40 -12.79 9.96 -9.99
CA GLU A 40 -12.54 8.63 -9.48
C GLU A 40 -11.16 8.58 -8.87
N PHE A 41 -10.20 9.10 -9.61
CA PHE A 41 -8.82 9.13 -9.16
C PHE A 41 -8.67 9.87 -7.84
N TYR A 42 -9.39 10.98 -7.69
CA TYR A 42 -9.33 11.74 -6.45
C TYR A 42 -10.00 11.01 -5.27
N ILE A 43 -11.14 10.38 -5.51
CA ILE A 43 -11.85 9.66 -4.46
C ILE A 43 -11.01 8.47 -3.98
N ILE A 44 -10.62 7.62 -4.92
CA ILE A 44 -9.81 6.45 -4.58
C ILE A 44 -8.55 6.90 -3.82
N THR A 45 -7.81 7.82 -4.41
CA THR A 45 -6.57 8.32 -3.81
C THR A 45 -6.77 8.90 -2.41
N THR A 46 -7.79 9.75 -2.27
CA THR A 46 -8.08 10.36 -0.99
C THR A 46 -8.45 9.33 0.07
N PHE A 47 -9.21 8.31 -0.30
CA PHE A 47 -9.57 7.27 0.66
C PHE A 47 -8.32 6.47 1.10
N ILE A 48 -7.35 6.38 0.20
CA ILE A 48 -6.13 5.66 0.54
C ILE A 48 -5.39 6.36 1.71
N THR A 49 -5.21 7.67 1.59
CA THR A 49 -4.50 8.40 2.63
C THR A 49 -5.26 8.56 3.96
N THR A 50 -6.58 8.74 3.92
CA THR A 50 -7.30 8.89 5.18
C THR A 50 -7.34 7.55 5.93
N ILE A 51 -7.46 6.45 5.19
CA ILE A 51 -7.46 5.14 5.82
C ILE A 51 -6.10 4.98 6.50
N ALA A 52 -5.05 5.25 5.73
CA ALA A 52 -3.68 5.12 6.24
C ALA A 52 -3.48 6.01 7.47
N ALA A 53 -4.01 7.23 7.40
CA ALA A 53 -3.90 8.17 8.52
C ALA A 53 -4.56 7.63 9.80
N ALA A 54 -5.78 7.11 9.66
CA ALA A 54 -6.52 6.56 10.81
C ALA A 54 -5.79 5.36 11.42
N MET A 55 -5.21 4.53 10.57
CA MET A 55 -4.50 3.36 11.09
C MET A 55 -3.18 3.79 11.73
N TYR A 56 -2.54 4.80 11.17
CA TYR A 56 -1.31 5.27 11.77
C TYR A 56 -1.62 5.86 13.13
N PHE A 57 -2.76 6.56 13.23
CA PHE A 57 -3.17 7.14 14.50
C PHE A 57 -3.53 6.02 15.48
N ALA A 58 -3.99 4.90 14.94
CA ALA A 58 -4.37 3.76 15.77
C ALA A 58 -3.12 3.13 16.38
N MET A 59 -2.07 2.99 15.58
CA MET A 59 -0.83 2.41 16.08
C MET A 59 -0.13 3.39 17.00
N ALA A 60 -0.28 4.68 16.72
CA ALA A 60 0.34 5.71 17.53
C ALA A 60 -0.25 5.68 18.94
N THR A 61 -1.57 5.69 19.04
CA THR A 61 -2.22 5.67 20.34
C THR A 61 -2.16 4.32 21.03
N GLY A 62 -1.46 3.36 20.41
CA GLY A 62 -1.35 2.04 21.02
C GLY A 62 -2.51 1.09 20.77
N PHE A 63 -3.54 1.52 20.06
CA PHE A 63 -4.68 0.64 19.78
C PHE A 63 -4.32 -0.49 18.82
N GLY A 64 -3.61 -0.16 17.75
CA GLY A 64 -3.24 -1.17 16.77
C GLY A 64 -2.00 -1.99 17.07
N VAL A 65 -1.83 -2.40 18.33
CA VAL A 65 -0.66 -3.20 18.72
C VAL A 65 -1.10 -4.42 19.53
N THR A 66 -0.25 -5.42 19.58
CA THR A 66 -0.54 -6.63 20.34
C THR A 66 0.74 -7.42 20.55
N GLU A 67 0.66 -8.45 21.37
CA GLU A 67 1.80 -9.30 21.66
C GLU A 67 1.49 -10.70 21.18
N VAL A 68 2.36 -11.25 20.34
CA VAL A 68 2.19 -12.58 19.81
C VAL A 68 3.29 -13.46 20.37
N VAL A 69 2.90 -14.62 20.89
CA VAL A 69 3.87 -15.55 21.46
C VAL A 69 4.37 -16.53 20.40
N VAL A 70 5.69 -16.69 20.33
CA VAL A 70 6.29 -17.60 19.36
C VAL A 70 7.64 -18.10 19.86
N GLY A 71 7.70 -19.39 20.20
CA GLY A 71 8.94 -19.99 20.67
C GLY A 71 9.61 -19.37 21.89
N ASP A 72 8.90 -19.31 23.02
CA ASP A 72 9.48 -18.75 24.23
C ASP A 72 9.96 -17.32 24.01
N GLU A 73 9.28 -16.61 23.13
CA GLU A 73 9.59 -15.22 22.84
C GLU A 73 8.28 -14.53 22.52
N ALA A 74 8.10 -13.31 23.03
CA ALA A 74 6.87 -12.57 22.78
C ALA A 74 7.10 -11.42 21.81
N LEU A 75 6.71 -11.62 20.56
CA LEU A 75 6.87 -10.61 19.52
C LEU A 75 5.82 -9.50 19.63
N THR A 76 6.21 -8.29 19.23
CA THR A 76 5.32 -7.15 19.26
C THR A 76 4.80 -6.95 17.84
N ILE A 77 3.49 -7.15 17.68
CA ILE A 77 2.88 -7.02 16.37
C ILE A 77 1.95 -5.81 16.20
N TYR A 78 2.26 -5.00 15.20
CA TYR A 78 1.46 -3.83 14.87
C TYR A 78 0.51 -4.33 13.79
N TRP A 79 -0.59 -4.95 14.22
CA TRP A 79 -1.56 -5.52 13.29
C TRP A 79 -2.32 -4.50 12.45
N ALA A 80 -2.47 -3.27 12.96
CA ALA A 80 -3.19 -2.24 12.22
C ALA A 80 -2.63 -2.07 10.81
N ARG A 81 -1.36 -2.41 10.62
CA ARG A 81 -0.74 -2.29 9.31
C ARG A 81 -1.55 -3.07 8.28
N TYR A 82 -2.00 -4.26 8.67
CA TYR A 82 -2.79 -5.14 7.80
C TYR A 82 -4.19 -4.61 7.52
N ALA A 83 -4.88 -4.10 8.55
CA ALA A 83 -6.22 -3.54 8.36
C ALA A 83 -6.13 -2.38 7.36
N ASP A 84 -4.99 -1.69 7.39
CA ASP A 84 -4.70 -0.58 6.50
C ASP A 84 -4.53 -1.14 5.08
N TRP A 85 -3.49 -1.94 4.88
CA TRP A 85 -3.18 -2.50 3.58
C TRP A 85 -4.33 -3.28 2.95
N LEU A 86 -5.09 -3.99 3.77
CA LEU A 86 -6.21 -4.76 3.26
C LEU A 86 -7.14 -3.92 2.37
N PHE A 87 -7.25 -2.63 2.69
CA PHE A 87 -8.10 -1.70 1.94
C PHE A 87 -7.36 -0.77 0.97
N THR A 88 -6.21 -0.25 1.41
CA THR A 88 -5.44 0.68 0.59
C THR A 88 -4.70 0.05 -0.60
N THR A 89 -4.13 -1.13 -0.43
CA THR A 89 -3.42 -1.75 -1.54
C THR A 89 -4.34 -2.08 -2.69
N PRO A 90 -5.54 -2.61 -2.42
CA PRO A 90 -6.39 -2.90 -3.59
C PRO A 90 -6.83 -1.60 -4.28
N LEU A 91 -6.99 -0.53 -3.49
CA LEU A 91 -7.38 0.75 -4.07
C LEU A 91 -6.25 1.28 -4.97
N LEU A 92 -5.00 1.11 -4.54
CA LEU A 92 -3.86 1.56 -5.33
C LEU A 92 -3.87 0.85 -6.67
N LEU A 93 -4.17 -0.45 -6.66
CA LEU A 93 -4.22 -1.22 -7.89
C LEU A 93 -5.42 -0.74 -8.72
N LEU A 94 -6.48 -0.33 -8.04
CA LEU A 94 -7.63 0.19 -8.78
C LEU A 94 -7.12 1.39 -9.58
N ASP A 95 -6.39 2.29 -8.90
CA ASP A 95 -5.83 3.48 -9.55
C ASP A 95 -5.03 3.09 -10.77
N LEU A 96 -4.11 2.13 -10.61
CA LEU A 96 -3.30 1.70 -11.74
C LEU A 96 -4.17 1.08 -12.82
N GLY A 97 -5.10 0.22 -12.39
CA GLY A 97 -5.99 -0.43 -13.34
C GLY A 97 -6.70 0.59 -14.21
N LEU A 98 -7.38 1.54 -13.56
CA LEU A 98 -8.10 2.58 -14.28
C LEU A 98 -7.17 3.39 -15.16
N LEU A 99 -5.94 3.59 -14.68
CA LEU A 99 -4.96 4.37 -15.42
C LEU A 99 -4.53 3.62 -16.67
N ALA A 100 -4.31 2.32 -16.53
CA ALA A 100 -3.88 1.51 -17.67
C ALA A 100 -4.98 1.22 -18.68
N GLY A 101 -6.25 1.38 -18.29
CA GLY A 101 -7.34 1.09 -19.19
C GLY A 101 -7.62 -0.41 -19.22
N ALA A 102 -7.32 -1.08 -18.11
CA ALA A 102 -7.52 -2.51 -17.94
C ALA A 102 -8.98 -2.91 -17.82
N ASN A 103 -9.31 -4.16 -18.15
CA ASN A 103 -10.70 -4.62 -18.05
C ASN A 103 -10.93 -5.26 -16.67
N ARG A 104 -12.20 -5.54 -16.35
CA ARG A 104 -12.52 -6.10 -15.03
C ARG A 104 -11.84 -7.40 -14.65
N ASN A 105 -11.52 -8.24 -15.62
CA ASN A 105 -10.86 -9.51 -15.29
C ASN A 105 -9.46 -9.28 -14.74
N THR A 106 -8.74 -8.33 -15.35
CA THR A 106 -7.40 -7.99 -14.93
C THR A 106 -7.44 -7.29 -13.59
N ILE A 107 -8.30 -6.29 -13.49
CA ILE A 107 -8.43 -5.55 -12.24
C ILE A 107 -8.92 -6.46 -11.13
N ALA A 108 -9.81 -7.40 -11.44
CA ALA A 108 -10.31 -8.31 -10.43
C ALA A 108 -9.20 -9.27 -9.98
N THR A 109 -8.36 -9.69 -10.93
CA THR A 109 -7.25 -10.59 -10.63
C THR A 109 -6.28 -9.87 -9.68
N LEU A 110 -5.91 -8.64 -10.06
CA LEU A 110 -5.02 -7.84 -9.23
C LEU A 110 -5.59 -7.73 -7.81
N ILE A 111 -6.83 -7.27 -7.68
CA ILE A 111 -7.45 -7.13 -6.36
C ILE A 111 -7.44 -8.45 -5.59
N GLY A 112 -7.81 -9.54 -6.26
CA GLY A 112 -7.85 -10.85 -5.65
C GLY A 112 -6.49 -11.30 -5.13
N LEU A 113 -5.47 -11.15 -5.96
CA LEU A 113 -4.11 -11.54 -5.54
C LEU A 113 -3.69 -10.68 -4.35
N ASP A 114 -3.92 -9.39 -4.47
CA ASP A 114 -3.55 -8.45 -3.43
C ASP A 114 -4.14 -8.76 -2.07
N VAL A 115 -5.44 -9.02 -2.02
CA VAL A 115 -6.12 -9.34 -0.78
C VAL A 115 -5.59 -10.65 -0.20
N PHE A 116 -5.29 -11.59 -1.09
CA PHE A 116 -4.78 -12.89 -0.66
C PHE A 116 -3.41 -12.63 -0.01
N MET A 117 -2.65 -11.73 -0.63
CA MET A 117 -1.32 -11.33 -0.16
C MET A 117 -1.35 -10.72 1.25
N ILE A 118 -2.22 -9.74 1.49
CA ILE A 118 -2.29 -9.16 2.83
C ILE A 118 -2.89 -10.15 3.83
N GLY A 119 -3.87 -10.93 3.39
CA GLY A 119 -4.49 -11.90 4.27
C GLY A 119 -3.50 -12.96 4.76
N THR A 120 -2.73 -13.53 3.84
CA THR A 120 -1.76 -14.53 4.25
C THR A 120 -0.65 -13.79 4.99
N GLY A 121 -0.51 -12.50 4.68
CA GLY A 121 0.49 -11.68 5.33
C GLY A 121 0.19 -11.52 6.81
N MET A 122 -1.07 -11.26 7.16
CA MET A 122 -1.39 -11.11 8.58
C MET A 122 -1.40 -12.45 9.29
N ILE A 123 -1.66 -13.52 8.54
CA ILE A 123 -1.64 -14.85 9.15
C ILE A 123 -0.20 -15.03 9.61
N ALA A 124 0.74 -14.76 8.71
CA ALA A 124 2.18 -14.87 8.97
C ALA A 124 2.58 -14.06 10.20
N ALA A 125 2.02 -12.86 10.30
CA ALA A 125 2.30 -11.99 11.43
C ALA A 125 1.84 -12.60 12.75
N PHE A 126 0.83 -13.47 12.70
CA PHE A 126 0.34 -14.11 13.92
C PHE A 126 0.67 -15.60 14.09
N ALA A 127 1.30 -16.21 13.08
CA ALA A 127 1.64 -17.62 13.20
C ALA A 127 2.47 -17.85 14.47
N ALA A 128 2.34 -19.04 15.04
CA ALA A 128 3.04 -19.39 16.28
C ALA A 128 4.43 -20.01 16.16
N THR A 129 4.97 -20.09 14.95
CA THR A 129 6.28 -20.71 14.76
C THR A 129 7.17 -19.99 13.76
N PRO A 130 8.47 -19.91 14.04
CA PRO A 130 9.32 -19.22 13.07
C PRO A 130 9.14 -19.88 11.71
N GLY A 131 8.99 -21.20 11.72
CA GLY A 131 8.81 -21.96 10.50
C GLY A 131 7.49 -21.68 9.82
N THR A 132 6.43 -21.53 10.61
CA THR A 132 5.11 -21.25 10.06
C THR A 132 5.03 -19.83 9.55
N ARG A 133 5.57 -18.90 10.32
CA ARG A 133 5.54 -17.49 9.95
C ARG A 133 6.24 -17.28 8.61
N ILE A 134 7.42 -17.89 8.46
CA ILE A 134 8.17 -17.77 7.22
C ILE A 134 7.47 -18.51 6.07
N ALA A 135 6.79 -19.61 6.38
CA ALA A 135 6.05 -20.35 5.35
C ALA A 135 4.99 -19.41 4.76
N TRP A 136 4.23 -18.77 5.63
CA TRP A 136 3.18 -17.83 5.22
C TRP A 136 3.79 -16.61 4.52
N TRP A 137 4.90 -16.13 5.06
CA TRP A 137 5.60 -15.01 4.46
C TRP A 137 5.86 -15.46 3.03
N GLY A 138 6.24 -16.73 2.88
CA GLY A 138 6.52 -17.30 1.57
C GLY A 138 5.31 -17.35 0.66
N ILE A 139 4.16 -17.74 1.21
CA ILE A 139 2.94 -17.79 0.42
C ILE A 139 2.63 -16.37 -0.07
N SER A 140 2.55 -15.45 0.89
CA SER A 140 2.27 -14.04 0.61
C SER A 140 3.22 -13.42 -0.41
N THR A 141 4.51 -13.71 -0.27
CA THR A 141 5.49 -13.17 -1.22
C THR A 141 5.23 -13.73 -2.61
N GLY A 142 4.82 -14.99 -2.68
CA GLY A 142 4.53 -15.60 -3.97
C GLY A 142 3.47 -14.79 -4.67
N ALA A 143 2.40 -14.50 -3.94
CA ALA A 143 1.27 -13.71 -4.47
C ALA A 143 1.76 -12.32 -4.94
N LEU A 144 2.67 -11.72 -4.18
CA LEU A 144 3.20 -10.42 -4.56
C LEU A 144 3.83 -10.54 -5.95
N LEU A 145 4.61 -11.61 -6.13
CA LEU A 145 5.26 -11.85 -7.41
C LEU A 145 4.24 -12.12 -8.52
N ALA A 146 3.17 -12.83 -8.19
CA ALA A 146 2.12 -13.10 -9.18
C ALA A 146 1.47 -11.80 -9.63
N LEU A 147 1.17 -10.90 -8.69
CA LEU A 147 0.54 -9.65 -9.12
C LEU A 147 1.54 -8.73 -9.83
N LEU A 148 2.81 -8.74 -9.43
CA LEU A 148 3.82 -7.92 -10.09
C LEU A 148 3.97 -8.41 -11.53
N TYR A 149 3.79 -9.72 -11.70
CA TYR A 149 3.88 -10.32 -13.01
C TYR A 149 2.76 -9.76 -13.91
N VAL A 150 1.60 -9.51 -13.33
CA VAL A 150 0.48 -8.97 -14.09
C VAL A 150 0.74 -7.51 -14.43
N LEU A 151 1.40 -6.79 -13.52
CA LEU A 151 1.71 -5.38 -13.74
C LEU A 151 2.64 -5.15 -14.93
N VAL A 152 3.76 -5.88 -14.97
CA VAL A 152 4.71 -5.73 -16.06
C VAL A 152 4.22 -6.37 -17.34
N GLY A 153 3.33 -7.36 -17.20
CA GLY A 153 2.80 -8.04 -18.37
C GLY A 153 1.54 -7.38 -18.93
N THR A 154 0.40 -8.03 -18.71
CA THR A 154 -0.88 -7.53 -19.21
C THR A 154 -1.17 -6.05 -18.96
N LEU A 155 -0.99 -5.60 -17.71
CA LEU A 155 -1.25 -4.20 -17.38
C LEU A 155 -0.38 -3.24 -18.16
N SER A 156 0.90 -3.58 -18.31
CA SER A 156 1.80 -2.71 -19.06
C SER A 156 1.36 -2.66 -20.51
N LYS A 157 0.90 -3.79 -21.03
CA LYS A 157 0.43 -3.85 -22.41
C LYS A 157 -0.81 -2.98 -22.60
N ASP A 158 -1.71 -2.97 -21.61
CA ASP A 158 -2.91 -2.16 -21.71
C ASP A 158 -2.52 -0.70 -21.79
N ALA A 159 -1.62 -0.29 -20.91
CA ALA A 159 -1.17 1.10 -20.84
C ALA A 159 -0.53 1.60 -22.13
N ARG A 160 0.08 0.70 -22.90
CA ARG A 160 0.71 1.07 -24.16
C ARG A 160 -0.33 1.45 -25.22
N GLY A 161 -1.59 1.11 -24.94
CA GLY A 161 -2.66 1.45 -25.86
C GLY A 161 -3.30 2.77 -25.46
N GLN A 162 -2.76 3.37 -24.41
CA GLN A 162 -3.26 4.62 -23.90
C GLN A 162 -2.54 5.78 -24.58
N SER A 163 -2.97 7.01 -24.33
CA SER A 163 -2.30 8.17 -24.92
C SER A 163 -0.90 8.13 -24.31
N PRO A 164 0.12 8.60 -25.05
CA PRO A 164 1.51 8.61 -24.59
C PRO A 164 1.76 9.19 -23.18
N GLU A 165 1.14 10.32 -22.84
CA GLU A 165 1.35 10.90 -21.52
C GLU A 165 0.82 9.98 -20.43
N VAL A 166 -0.28 9.29 -20.73
CA VAL A 166 -0.89 8.36 -19.79
C VAL A 166 0.02 7.16 -19.66
N ALA A 167 0.53 6.68 -20.80
CA ALA A 167 1.43 5.54 -20.80
C ALA A 167 2.68 5.88 -19.99
N SER A 168 3.18 7.10 -20.17
CA SER A 168 4.35 7.55 -19.42
C SER A 168 3.99 7.54 -17.95
N LEU A 169 2.88 8.19 -17.63
CA LEU A 169 2.42 8.28 -16.25
C LEU A 169 2.31 6.89 -15.63
N PHE A 170 1.81 5.96 -16.43
CA PHE A 170 1.68 4.60 -15.94
C PHE A 170 3.06 4.06 -15.58
N GLY A 171 3.98 4.12 -16.54
CA GLY A 171 5.33 3.63 -16.34
C GLY A 171 5.95 4.08 -15.02
N ARG A 172 5.87 5.37 -14.75
CA ARG A 172 6.40 5.88 -13.51
C ARG A 172 5.74 5.15 -12.36
N LEU A 173 4.42 5.32 -12.24
CA LEU A 173 3.66 4.70 -11.18
C LEU A 173 3.90 3.19 -11.07
N ARG A 174 3.99 2.49 -12.19
CA ARG A 174 4.24 1.05 -12.13
C ARG A 174 5.61 0.78 -11.50
N ASN A 175 6.64 1.48 -11.98
CA ASN A 175 7.98 1.28 -11.46
C ASN A 175 8.07 1.64 -9.98
N LEU A 176 7.32 2.66 -9.58
CA LEU A 176 7.30 3.07 -8.19
C LEU A 176 6.73 1.90 -7.36
N VAL A 177 5.64 1.31 -7.83
CA VAL A 177 5.01 0.19 -7.12
C VAL A 177 5.96 -0.99 -6.97
N ILE A 178 6.64 -1.34 -8.07
CA ILE A 178 7.57 -2.47 -8.11
C ILE A 178 8.71 -2.34 -7.10
N VAL A 179 9.42 -1.21 -7.13
CA VAL A 179 10.51 -1.03 -6.20
C VAL A 179 10.00 -0.92 -4.76
N LEU A 180 9.03 -0.05 -4.51
CA LEU A 180 8.50 0.10 -3.15
C LEU A 180 7.86 -1.16 -2.55
N TRP A 181 6.97 -1.80 -3.31
CA TRP A 181 6.29 -2.99 -2.82
C TRP A 181 7.20 -4.18 -2.53
N LEU A 182 8.24 -4.38 -3.35
CA LEU A 182 9.17 -5.48 -3.10
C LEU A 182 9.90 -5.29 -1.77
N LEU A 183 10.08 -4.03 -1.37
CA LEU A 183 10.77 -3.72 -0.13
C LEU A 183 10.01 -4.10 1.14
N TYR A 184 8.69 -4.15 1.07
CA TYR A 184 7.90 -4.51 2.25
C TYR A 184 8.26 -5.88 2.81
N PRO A 185 8.24 -6.92 1.97
CA PRO A 185 8.58 -8.25 2.49
C PRO A 185 10.00 -8.32 3.08
N VAL A 186 10.92 -7.54 2.53
CA VAL A 186 12.30 -7.52 3.03
C VAL A 186 12.35 -6.92 4.42
N VAL A 187 11.68 -5.79 4.58
CA VAL A 187 11.63 -5.11 5.88
C VAL A 187 10.95 -5.99 6.91
N TRP A 188 9.97 -6.78 6.47
CA TRP A 188 9.23 -7.66 7.35
C TRP A 188 10.11 -8.84 7.79
N ILE A 189 10.69 -9.54 6.82
CA ILE A 189 11.54 -10.69 7.10
C ILE A 189 12.73 -10.33 8.02
N LEU A 190 13.26 -9.12 7.87
CA LEU A 190 14.40 -8.66 8.69
C LEU A 190 13.95 -8.11 10.04
N GLY A 191 12.75 -7.53 10.09
CA GLY A 191 12.24 -6.95 11.32
C GLY A 191 11.80 -7.93 12.40
N THR A 192 11.05 -7.42 13.36
CA THR A 192 10.57 -8.24 14.46
C THR A 192 9.68 -9.41 14.02
N GLU A 193 8.74 -9.14 13.13
CA GLU A 193 7.82 -10.18 12.65
C GLU A 193 8.49 -11.45 12.10
N GLY A 194 9.68 -11.29 11.50
CA GLY A 194 10.36 -12.45 10.95
C GLY A 194 11.02 -13.36 11.96
N THR A 195 10.99 -12.96 13.23
CA THR A 195 11.58 -13.70 14.35
C THR A 195 13.11 -13.60 14.45
N PHE A 196 13.74 -13.04 13.42
CA PHE A 196 15.21 -12.90 13.41
C PHE A 196 15.70 -11.58 14.01
N GLY A 197 14.82 -10.61 14.19
CA GLY A 197 15.19 -9.34 14.76
C GLY A 197 16.46 -8.67 14.24
N ILE A 198 16.80 -8.92 12.98
CA ILE A 198 17.98 -8.32 12.38
C ILE A 198 17.86 -6.81 12.34
N LEU A 199 16.67 -6.32 11.99
CA LEU A 199 16.41 -4.88 11.90
C LEU A 199 15.53 -4.48 13.11
N PRO A 200 16.07 -3.69 14.04
CA PRO A 200 15.33 -3.24 15.23
C PRO A 200 13.94 -2.68 14.94
N LEU A 201 12.98 -2.97 15.82
CA LEU A 201 11.61 -2.50 15.65
C LEU A 201 11.56 -0.99 15.41
N TYR A 202 12.49 -0.26 16.04
CA TYR A 202 12.54 1.20 15.90
C TYR A 202 12.77 1.61 14.45
N TRP A 203 13.74 0.97 13.79
CA TRP A 203 14.05 1.30 12.42
C TRP A 203 13.11 0.65 11.45
N GLU A 204 12.50 -0.45 11.87
CA GLU A 204 11.54 -1.12 11.02
C GLU A 204 10.33 -0.19 10.87
N THR A 205 9.89 0.38 11.99
CA THR A 205 8.74 1.30 11.97
C THR A 205 9.03 2.47 11.04
N ALA A 206 10.27 2.96 11.08
CA ALA A 206 10.67 4.08 10.22
C ALA A 206 10.63 3.66 8.75
N ALA A 207 11.20 2.49 8.47
CA ALA A 207 11.23 1.97 7.10
C ALA A 207 9.80 1.90 6.56
N PHE A 208 8.90 1.25 7.30
CA PHE A 208 7.52 1.17 6.85
C PHE A 208 6.91 2.55 6.72
N MET A 209 7.38 3.50 7.54
CA MET A 209 6.85 4.85 7.45
C MET A 209 7.24 5.50 6.13
N VAL A 210 8.50 5.34 5.73
CA VAL A 210 8.93 5.93 4.48
C VAL A 210 8.22 5.28 3.32
N LEU A 211 8.13 3.95 3.36
CA LEU A 211 7.45 3.22 2.30
C LEU A 211 5.99 3.65 2.18
N ASP A 212 5.24 3.56 3.27
CA ASP A 212 3.83 3.94 3.21
C ASP A 212 3.62 5.33 2.65
N LEU A 213 4.42 6.29 3.12
CA LEU A 213 4.30 7.66 2.65
C LEU A 213 4.59 7.79 1.17
N SER A 214 5.62 7.09 0.72
CA SER A 214 6.00 7.13 -0.69
C SER A 214 5.00 6.40 -1.54
N ALA A 215 4.49 5.27 -1.04
CA ALA A 215 3.55 4.45 -1.80
C ALA A 215 2.14 5.01 -1.85
N LYS A 216 1.87 6.05 -1.06
CA LYS A 216 0.54 6.63 -1.03
C LYS A 216 0.51 8.13 -1.33
N VAL A 217 1.21 8.92 -0.53
CA VAL A 217 1.23 10.36 -0.77
C VAL A 217 2.08 10.63 -2.00
N GLY A 218 3.24 10.00 -2.08
CA GLY A 218 4.11 10.20 -3.23
C GLY A 218 3.37 9.76 -4.47
N PHE A 219 2.93 8.51 -4.44
CA PHE A 219 2.17 7.91 -5.52
C PHE A 219 1.02 8.84 -5.93
N GLY A 220 0.20 9.23 -4.94
CA GLY A 220 -0.91 10.10 -5.24
C GLY A 220 -0.48 11.39 -5.88
N VAL A 221 0.54 12.01 -5.32
CA VAL A 221 1.04 13.27 -5.84
C VAL A 221 1.45 13.18 -7.30
N VAL A 222 2.14 12.11 -7.70
CA VAL A 222 2.53 12.03 -9.12
C VAL A 222 1.35 11.61 -9.99
N LEU A 223 0.40 10.89 -9.42
CA LEU A 223 -0.77 10.45 -10.17
C LEU A 223 -1.67 11.61 -10.53
N LEU A 224 -2.07 12.37 -9.51
CA LEU A 224 -2.97 13.51 -9.67
C LEU A 224 -2.29 14.83 -10.04
N ARG A 225 -1.02 14.76 -10.40
CA ARG A 225 -0.26 15.95 -10.74
C ARG A 225 -0.93 16.80 -11.83
N SER A 226 -1.18 16.19 -12.98
CA SER A 226 -1.81 16.89 -14.10
C SER A 226 -3.25 16.43 -14.36
N ARG A 227 -4.14 17.40 -14.49
CA ARG A 227 -5.54 17.13 -14.73
C ARG A 227 -5.82 16.77 -16.20
N SER A 228 -5.16 17.47 -17.12
CA SER A 228 -5.37 17.21 -18.54
C SER A 228 -4.93 15.81 -18.96
N VAL A 229 -3.77 15.36 -18.48
CA VAL A 229 -3.28 14.04 -18.86
C VAL A 229 -4.23 12.98 -18.31
N LEU A 230 -4.71 13.20 -17.10
CA LEU A 230 -5.59 12.25 -16.45
C LEU A 230 -6.93 12.11 -17.16
N ARG A 231 -7.34 13.13 -17.88
CA ARG A 231 -8.61 13.09 -18.61
C ARG A 231 -8.43 12.49 -20.00
N ARG A 232 -7.22 12.06 -20.30
CA ARG A 232 -6.94 11.44 -21.60
C ARG A 232 -7.20 9.95 -21.48
N VAL A 233 -7.61 9.54 -20.28
CA VAL A 233 -7.92 8.14 -20.00
C VAL A 233 -9.21 7.81 -20.73
N VAL A 234 -9.95 8.87 -21.06
CA VAL A 234 -11.20 8.76 -21.79
C VAL A 234 -11.14 9.92 -22.80
N THR A 235 -11.74 9.74 -23.98
CA THR A 235 -11.71 10.79 -25.00
C THR A 235 -13.04 11.48 -25.31
N PRO A 236 -14.12 10.69 -25.57
CA PRO A 236 -15.43 11.27 -25.88
C PRO A 236 -15.94 12.31 -24.89
N THR A 237 -17.10 12.88 -25.20
CA THR A 237 -17.72 13.88 -24.33
C THR A 237 -18.79 13.24 -23.46
N ALA A 238 -19.13 13.90 -22.35
CA ALA A 238 -20.14 13.41 -21.43
C ALA A 238 -20.71 14.55 -20.59
C1 RET B . 3.99 -8.46 3.94
C2 RET B . 4.40 -9.79 4.76
C3 RET B . 4.58 -11.09 4.08
C4 RET B . 5.07 -11.03 2.64
C5 RET B . 4.70 -9.82 1.79
C6 RET B . 4.18 -8.58 2.32
C7 RET B . 3.85 -7.44 1.32
C8 RET B . 3.36 -6.21 1.55
C9 RET B . 3.05 -5.10 0.65
C10 RET B . 2.55 -3.97 1.26
C11 RET B . 2.19 -2.73 0.64
C12 RET B . 1.68 -1.72 1.32
C13 RET B . 1.29 -0.41 0.76
C14 RET B . 0.76 0.45 1.68
C15 RET B . 0.23 1.79 1.52
C16 RET B . 2.52 -8.27 4.34
C17 RET B . 4.84 -7.37 4.61
C18 RET B . 4.96 -10.13 0.30
C19 RET B . 3.30 -5.21 -0.84
C20 RET B . 1.42 -0.08 -0.72
C1 22B C . -13.84 14.91 -5.23
C2 22B C . -14.82 14.43 -4.01
C3 22B C . -14.28 13.22 -3.15
C4 22B C . -13.84 13.31 -1.87
C5 22B C . -13.33 12.25 -0.99
C6 22B C . -12.97 12.67 0.23
C7 22B C . -13.05 11.96 1.52
C8 22B C . -12.64 12.54 2.66
C9 22B C . -12.69 11.91 4.00
C10 22B C . -13.04 12.77 4.99
C11 22B C . -13.18 12.46 6.43
C12 22B C . -12.81 13.41 7.33
C13 22B C . -12.90 13.23 8.81
C14 22B C . -12.47 14.31 9.54
C15 22B C . -12.40 14.48 11.01
C16 22B C . -12.44 15.49 -4.73
C17 22B C . -13.47 13.73 -6.24
C18 22B C . -13.22 10.78 -1.43
C19 22B C . -12.36 10.42 4.24
C20 22B C . -13.41 11.92 9.45
C21 22B C . -16.23 14.00 -4.54
C22 22B C . -17.32 14.64 -3.57
C23 22B C . -18.84 14.36 -3.91
C24 22B C . -19.20 12.86 -3.86
C25 22B C . -19.26 14.88 -5.31
O26 22B C . -14.48 15.92 -6.03
O27 22B C . -19.68 15.07 -2.83
C1 SQL D . -6.50 -14.87 14.06
C2 SQL D . -6.37 -13.38 13.67
C3 SQL D . -6.14 -12.33 14.77
C4 SQL D . -6.46 -12.94 12.18
C5 SQL D . -6.68 -13.95 11.04
C6 SQL D . -6.78 -13.47 9.57
C7 SQL D . -7.30 -14.38 8.42
C8 SQL D . -7.76 -15.83 8.69
C9 SQL D . -7.38 -13.80 6.99
C10 SQL D . -7.89 -14.62 5.78
C11 SQL D . -7.93 -13.93 4.40
C12 SQL D . -8.43 -14.62 3.11
C13 SQL D . -8.94 -16.08 3.11
C14 SQL D . -8.40 -13.79 1.82
C15 SQL D . -8.89 -14.33 0.46
C16 SQL D . -9.49 -13.31 -0.52
C17 SQL D . -10.01 -13.75 -1.90
C18 SQL D . -10.60 -12.73 -2.90
C19 SQL D . -10.71 -11.23 -2.52
C20 SQL D . -11.07 -13.24 -4.27
C21 SQL D . -11.66 -12.30 -5.35
C22 SQL D . -12.09 -12.94 -6.69
C23 SQL D . -12.66 -12.11 -7.86
C24 SQL D . -12.90 -12.83 -9.19
C25 SQL D . -13.44 -12.15 -10.46
C26 SQL D . -14.95 -11.85 -10.67
C27 SQL D . -15.42 -11.19 -11.98
C28 SQL D . -14.41 -10.85 -13.08
C29 SQL D . -16.91 -10.88 -12.19
C30 SQL D . -12.93 -10.59 -7.68
C11 L2P E . -19.39 -1.30 -9.67
C12 L2P E . -18.70 -0.26 -8.75
C13 L2P E . -17.12 -0.18 -8.96
C14 L2P E . -16.76 0.08 -10.43
C15 L2P E . -16.43 -1.47 -8.52
C16 L2P E . -15.96 -1.38 -7.02
C17 L2P E . -14.41 -1.50 -6.91
C18 L2P E . -13.99 -1.40 -5.44
C19 L2P E . -13.63 0.07 -5.07
C20 L2P E . -12.72 -2.34 -5.16
C21 L2P E . -12.85 -3.02 -3.75
C22 L2P E . -11.58 -2.68 -2.87
C23 L2P E . -11.87 -2.89 -1.33
C24 L2P E . -11.27 -1.74 -0.58
C25 L2P E . -11.22 -4.21 -0.83
C26 L2P E . -12.22 -5.02 -0.02
C27 L2P E . -11.54 -6.37 0.49
C28 L2P E . -12.55 -7.19 1.31
C29 L2P E . -13.10 -8.39 0.44
C30 L2P E . -11.88 -7.77 2.63
C1 BNG F . -13.59 -0.89 -16.79
C2 BNG F . -12.55 -0.10 -17.68
C3 BNG F . -13.02 -0.14 -19.18
C4 BNG F . -13.08 -1.65 -19.64
C5 BNG F . -14.13 -2.43 -18.73
C6 BNG F . -14.21 -3.92 -19.13
C1' BNG F . -14.21 -0.74 -14.38
C2' BNG F . -14.36 -2.07 -13.64
C3' BNG F . -13.76 -2.01 -12.24
C4' BNG F . -13.32 -3.38 -11.77
C5' BNG F . -13.47 -3.55 -10.27
C6' BNG F . -13.33 -5.01 -9.85
C7' BNG F . -13.47 -5.20 -8.35
C8' BNG F . -13.59 -6.68 -8.01
C9' BNG F . -13.56 -6.88 -6.51
O1 BNG F . -13.17 -0.86 -15.38
O2 BNG F . -12.46 1.26 -17.22
O3 BNG F . -12.07 0.56 -19.99
O4 BNG F . -13.49 -1.75 -21.01
O5 BNG F . -13.70 -2.30 -17.30
O6 BNG F . -15.00 -4.11 -20.28
C1 BNG G . 3.42 19.26 -4.07
C2 BNG G . 3.69 18.66 -5.52
C3 BNG G . 4.21 19.79 -6.47
C4 BNG G . 3.10 20.90 -6.56
C5 BNG G . 2.84 21.50 -5.12
C6 BNG G . 1.75 22.59 -5.17
C1' BNG G . 3.10 18.43 -1.76
C2' BNG G . 1.84 17.97 -1.01
C3' BNG G . 2.14 16.79 -0.09
C4' BNG G . 1.89 17.12 1.37
C5' BNG G . 2.49 16.06 2.29
C6' BNG G . 3.32 16.68 3.40
C7' BNG G . 3.92 15.63 4.33
C8' BNG G . 4.73 16.28 5.45
C9' BNG G . 5.29 15.24 6.39
O1 BNG G . 2.93 18.20 -3.18
O2 BNG G . 4.66 17.61 -5.39
O3 BNG G . 4.45 19.24 -7.77
O4 BNG G . 3.53 21.96 -7.43
O5 BNG G . 2.40 20.37 -4.21
O6 BNG G . 2.32 23.89 -5.19
S SO4 H . 8.23 -3.47 -19.52
O1 SO4 H . 9.19 -3.60 -18.39
O2 SO4 H . 6.91 -3.03 -18.97
O3 SO4 H . 8.09 -4.74 -20.20
O4 SO4 H . 8.74 -2.48 -20.49
S SO4 I . -4.00 20.40 -12.41
O1 SO4 I . -2.89 21.10 -11.81
O2 SO4 I . -3.97 18.97 -12.01
O3 SO4 I . -5.27 20.98 -11.95
O4 SO4 I . -3.86 20.53 -13.87
S SO4 J . -12.41 19.18 -15.30
O1 SO4 J . -11.63 18.02 -14.89
O2 SO4 J . -13.21 19.71 -14.15
O3 SO4 J . -11.51 20.25 -15.78
O4 SO4 J . -13.30 18.76 -16.40
#